data_1SWF
#
_entry.id   1SWF
#
_cell.length_a   60.296
_cell.length_b   78.596
_cell.length_c   93.509
_cell.angle_alpha   90.00
_cell.angle_beta   90.00
_cell.angle_gamma   90.00
#
_symmetry.space_group_name_H-M   'P 21 21 21'
#
loop_
_entity.id
_entity.type
_entity.pdbx_description
1 polymer 'CIRCULARLY PERMUTED CORE-STREPTAVIDIN E51/A46'
2 water water
#
_entity_poly.entity_id   1
_entity_poly.type   'polypeptide(L)'
_entity_poly.pdbx_seq_one_letter_code
;MESRYVLTGRYDSAPATDGSGTALGWTVAWKNNYRNAHSATTWSGQYVGGAEARINTQWLLTSGTTEANAWKSTLVGHDT
FTKVKPSAASGGGSAEAGITGTWYNQLGSTFIVTAGADGALTGTYESA
;
_entity_poly.pdbx_strand_id   A,B,C,D
#
# COMPACT_ATOMS: atom_id res chain seq x y z
N SER A 3 16.47 21.65 7.47
CA SER A 3 15.71 20.41 7.48
C SER A 3 14.21 20.54 7.73
N ARG A 4 13.60 21.69 7.47
CA ARG A 4 12.16 21.91 7.59
C ARG A 4 11.53 21.89 6.19
N TYR A 5 10.37 21.26 6.01
CA TYR A 5 9.75 21.32 4.68
C TYR A 5 8.31 21.82 4.79
N VAL A 6 7.81 22.36 3.68
CA VAL A 6 6.41 22.79 3.71
C VAL A 6 5.46 21.61 3.50
N LEU A 7 4.42 21.57 4.33
CA LEU A 7 3.35 20.59 4.14
C LEU A 7 2.03 21.31 3.85
N THR A 8 1.16 20.56 3.16
CA THR A 8 -0.22 21.00 3.01
C THR A 8 -1.15 19.82 2.73
N GLY A 9 -2.41 19.94 3.15
CA GLY A 9 -3.29 18.78 2.97
C GLY A 9 -4.72 19.25 3.17
N ARG A 10 -5.55 18.27 3.44
CA ARG A 10 -6.97 18.41 3.73
C ARG A 10 -7.45 17.47 4.84
N TYR A 11 -8.46 17.94 5.57
CA TYR A 11 -9.14 17.11 6.55
C TYR A 11 -10.65 17.33 6.37
N ASP A 12 -11.45 16.36 6.76
CA ASP A 12 -12.90 16.45 6.84
C ASP A 12 -13.23 17.35 8.03
N SER A 13 -13.73 18.55 7.73
CA SER A 13 -13.98 19.57 8.74
C SER A 13 -15.38 19.47 9.35
N ALA A 14 -16.12 18.44 8.97
CA ALA A 14 -17.38 18.13 9.62
C ALA A 14 -17.52 16.62 9.75
N PRO A 15 -16.64 16.04 10.56
CA PRO A 15 -16.60 14.59 10.71
C PRO A 15 -17.83 14.09 11.45
N ALA A 16 -18.04 12.79 11.37
CA ALA A 16 -19.13 12.12 12.05
C ALA A 16 -19.03 12.37 13.56
N THR A 17 -20.15 12.18 14.21
CA THR A 17 -20.40 12.50 15.61
C THR A 17 -20.45 11.25 16.47
N ASP A 18 -20.25 10.10 15.84
CA ASP A 18 -20.38 8.80 16.46
C ASP A 18 -19.08 8.27 17.04
N GLY A 19 -18.16 9.14 17.45
CA GLY A 19 -16.93 8.61 18.04
C GLY A 19 -15.98 8.12 16.97
N SER A 20 -16.35 8.41 15.73
CA SER A 20 -15.47 8.11 14.60
C SER A 20 -14.30 9.09 14.54
N GLY A 21 -13.15 8.67 14.00
CA GLY A 21 -12.05 9.62 13.84
C GLY A 21 -12.25 10.49 12.61
N THR A 22 -11.36 11.44 12.42
CA THR A 22 -11.47 12.48 11.41
C THR A 22 -10.51 12.23 10.25
N ALA A 23 -11.04 12.08 9.03
CA ALA A 23 -10.19 11.77 7.89
C ALA A 23 -9.35 12.96 7.48
N LEU A 24 -8.10 12.66 7.11
CA LEU A 24 -7.14 13.66 6.70
C LEU A 24 -6.03 13.06 5.85
N GLY A 25 -5.23 13.95 5.29
CA GLY A 25 -4.04 13.62 4.55
C GLY A 25 -3.29 14.91 4.19
N TRP A 26 -1.99 14.71 4.01
CA TRP A 26 -1.04 15.73 3.61
C TRP A 26 0.10 15.14 2.79
N THR A 27 0.83 16.04 2.14
CA THR A 27 1.94 15.87 1.25
C THR A 27 3.09 16.78 1.72
N VAL A 28 4.27 16.21 1.60
CA VAL A 28 5.53 16.92 1.72
C VAL A 28 6.40 16.52 0.52
N ALA A 29 6.91 17.51 -0.19
CA ALA A 29 7.95 17.27 -1.20
C ALA A 29 9.30 17.60 -0.57
N TRP A 30 10.24 16.67 -0.69
CA TRP A 30 11.48 16.81 0.08
C TRP A 30 12.50 17.69 -0.61
N LYS A 31 12.02 18.88 -0.91
CA LYS A 31 12.87 19.92 -1.47
C LYS A 31 12.70 21.20 -0.66
N ASN A 32 13.82 21.87 -0.44
CA ASN A 32 13.79 23.21 0.16
C ASN A 32 14.96 24.04 -0.34
N ASN A 33 15.21 25.16 0.29
CA ASN A 33 16.30 26.06 -0.08
C ASN A 33 17.65 25.37 -0.02
N TYR A 34 17.69 24.36 0.85
CA TYR A 34 18.96 23.73 1.16
C TYR A 34 19.10 22.32 0.61
N ARG A 35 18.05 21.50 0.65
CA ARG A 35 18.18 20.13 0.16
C ARG A 35 17.04 19.82 -0.81
N ASN A 36 17.23 18.77 -1.59
CA ASN A 36 16.30 18.23 -2.55
C ASN A 36 16.52 16.72 -2.70
N ALA A 37 15.59 15.92 -2.18
CA ALA A 37 15.82 14.49 -2.38
C ALA A 37 15.00 13.96 -3.55
N HIS A 38 14.42 14.83 -4.36
CA HIS A 38 13.62 14.41 -5.51
C HIS A 38 12.60 13.36 -5.13
N SER A 39 11.82 13.63 -4.08
CA SER A 39 10.83 12.61 -3.75
C SER A 39 9.73 13.28 -2.95
N ALA A 40 8.61 12.58 -2.80
CA ALA A 40 7.50 13.15 -2.05
C ALA A 40 6.81 12.10 -1.22
N THR A 41 6.44 12.50 -0.01
CA THR A 41 5.64 11.55 0.78
C THR A 41 4.22 12.06 0.90
N THR A 42 3.28 11.12 0.86
CA THR A 42 1.92 11.47 1.26
C THR A 42 1.45 10.63 2.43
N TRP A 43 0.81 11.28 3.39
CA TRP A 43 0.27 10.52 4.52
C TRP A 43 -1.25 10.53 4.45
N SER A 44 -1.82 9.34 4.56
CA SER A 44 -3.29 9.27 4.63
C SER A 44 -3.74 8.61 5.92
N GLY A 45 -4.66 9.25 6.64
CA GLY A 45 -5.06 8.61 7.88
C GLY A 45 -6.19 9.28 8.60
N GLN A 46 -6.15 9.23 9.93
CA GLN A 46 -7.16 9.90 10.73
C GLN A 46 -6.65 10.36 12.10
N TYR A 47 -7.21 11.48 12.51
CA TYR A 47 -7.10 12.12 13.81
C TYR A 47 -8.10 11.49 14.77
N VAL A 48 -7.57 11.05 15.89
CA VAL A 48 -8.34 10.54 17.02
C VAL A 48 -8.12 11.41 18.26
N GLY A 49 -9.18 12.07 18.67
CA GLY A 49 -9.19 13.11 19.67
C GLY A 49 -9.17 12.60 21.10
N GLY A 50 -8.92 13.50 22.05
CA GLY A 50 -8.82 13.10 23.43
C GLY A 50 -7.54 13.60 24.10
N ALA A 51 -7.39 13.15 25.34
CA ALA A 51 -6.31 13.43 26.27
C ALA A 51 -4.95 13.15 25.64
N GLU A 52 -4.86 11.93 25.12
CA GLU A 52 -3.61 11.52 24.46
C GLU A 52 -3.92 11.28 22.99
N ALA A 53 -4.33 12.38 22.34
CA ALA A 53 -4.76 12.37 20.95
C ALA A 53 -3.67 11.84 20.03
N ARG A 54 -4.10 11.26 18.90
CA ARG A 54 -3.13 10.72 17.97
C ARG A 54 -3.61 10.87 16.53
N ILE A 55 -2.65 10.90 15.62
CA ILE A 55 -2.95 10.76 14.20
C ILE A 55 -2.31 9.48 13.71
N ASN A 56 -3.17 8.56 13.27
CA ASN A 56 -2.64 7.28 12.76
C ASN A 56 -2.60 7.32 11.24
N THR A 57 -1.43 7.05 10.67
CA THR A 57 -1.28 7.14 9.22
C THR A 57 -0.66 5.90 8.58
N GLN A 58 -0.93 5.82 7.28
CA GLN A 58 -0.20 5.04 6.30
C GLN A 58 0.38 6.02 5.29
N TRP A 59 1.62 5.76 4.88
CA TRP A 59 2.23 6.68 3.93
C TRP A 59 2.77 5.94 2.70
N LEU A 60 2.97 6.77 1.68
CA LEU A 60 3.56 6.47 0.40
C LEU A 60 4.69 7.46 0.08
N LEU A 61 5.90 6.94 -0.11
CA LEU A 61 7.04 7.75 -0.55
C LEU A 61 7.37 7.37 -1.99
N THR A 62 7.28 8.34 -2.89
CA THR A 62 7.63 8.15 -4.28
C THR A 62 8.86 9.00 -4.61
N SER A 63 9.86 8.33 -5.18
CA SER A 63 11.07 8.98 -5.65
C SER A 63 11.02 9.11 -7.17
N GLY A 64 11.58 10.19 -7.70
CA GLY A 64 11.58 10.36 -9.15
C GLY A 64 12.50 9.30 -9.73
N THR A 65 11.99 8.52 -10.68
CA THR A 65 12.80 7.49 -11.30
C THR A 65 12.72 7.55 -12.83
N THR A 66 13.66 6.86 -13.47
CA THR A 66 13.48 6.63 -14.90
C THR A 66 12.37 5.59 -15.08
N GLU A 67 11.77 5.60 -16.24
CA GLU A 67 10.75 4.68 -16.70
C GLU A 67 11.02 3.27 -16.21
N ALA A 68 12.23 2.82 -16.55
CA ALA A 68 12.67 1.48 -16.27
C ALA A 68 12.58 1.11 -14.79
N ASN A 69 12.95 2.04 -13.93
CA ASN A 69 13.04 1.94 -12.49
C ASN A 69 11.69 2.12 -11.79
N ALA A 70 10.69 2.52 -12.56
CA ALA A 70 9.42 2.93 -11.98
C ALA A 70 8.84 1.92 -11.02
N TRP A 71 8.84 0.62 -11.32
CA TRP A 71 8.22 -0.39 -10.48
C TRP A 71 8.76 -0.40 -9.05
N LYS A 72 9.94 0.15 -8.87
CA LYS A 72 10.56 0.18 -7.54
C LYS A 72 10.64 1.61 -7.02
N SER A 73 9.77 2.50 -7.52
CA SER A 73 9.82 3.89 -7.07
C SER A 73 9.06 4.22 -5.79
N THR A 74 8.16 3.37 -5.32
CA THR A 74 7.28 3.74 -4.23
C THR A 74 7.39 2.81 -3.03
N LEU A 75 7.64 3.41 -1.87
CA LEU A 75 7.62 2.70 -0.60
C LEU A 75 6.31 3.01 0.12
N VAL A 76 5.95 2.06 0.97
CA VAL A 76 4.79 2.16 1.83
C VAL A 76 5.23 1.89 3.26
N GLY A 77 4.54 2.53 4.20
CA GLY A 77 4.81 2.28 5.59
C GLY A 77 3.73 2.97 6.41
N HIS A 78 3.98 3.15 7.69
CA HIS A 78 2.94 3.73 8.54
C HIS A 78 3.61 4.47 9.70
N ASP A 79 2.93 5.51 10.13
CA ASP A 79 3.46 6.44 11.12
C ASP A 79 2.32 6.76 12.09
N THR A 80 2.71 7.01 13.33
CA THR A 80 1.75 7.39 14.35
C THR A 80 2.31 8.62 15.07
N PHE A 81 1.47 9.67 15.05
CA PHE A 81 1.87 10.93 15.64
C PHE A 81 1.16 11.19 16.95
N THR A 82 1.96 11.72 17.90
CA THR A 82 1.33 12.19 19.11
C THR A 82 1.57 13.69 19.26
N LYS A 83 0.57 14.28 19.89
CA LYS A 83 0.34 15.67 20.17
C LYS A 83 1.28 16.19 21.25
N VAL A 84 2.21 17.08 20.93
CA VAL A 84 3.06 17.59 22.01
C VAL A 84 2.33 18.68 22.78
N SER A 94 -14.16 19.34 18.22
CA SER A 94 -13.58 20.20 17.19
C SER A 94 -12.33 19.61 16.58
N ALA A 95 -12.42 19.11 15.34
CA ALA A 95 -11.23 18.56 14.68
C ALA A 95 -10.30 19.71 14.31
N GLU A 96 -10.89 20.90 14.09
CA GLU A 96 -10.03 22.04 13.81
C GLU A 96 -9.20 22.39 15.03
N ALA A 97 -9.85 22.42 16.19
CA ALA A 97 -9.17 22.80 17.43
C ALA A 97 -8.17 21.73 17.83
N GLY A 98 -8.53 20.49 17.56
CA GLY A 98 -7.75 19.31 17.86
C GLY A 98 -6.53 19.06 17.01
N ILE A 99 -6.63 19.15 15.68
CA ILE A 99 -5.48 18.84 14.85
C ILE A 99 -4.39 19.90 14.94
N THR A 100 -4.85 21.12 15.17
CA THR A 100 -3.97 22.28 15.14
C THR A 100 -2.92 22.20 16.24
N GLY A 101 -1.65 22.29 15.86
CA GLY A 101 -0.64 22.20 16.90
C GLY A 101 0.62 21.52 16.42
N THR A 102 1.37 21.03 17.40
CA THR A 102 2.65 20.39 17.10
C THR A 102 2.59 18.92 17.47
N TRP A 103 3.11 18.10 16.58
CA TRP A 103 2.96 16.65 16.66
C TRP A 103 4.33 16.01 16.45
N TYR A 104 4.48 14.77 16.89
CA TYR A 104 5.77 14.08 16.70
C TYR A 104 5.52 12.60 16.48
N ASN A 105 6.41 11.89 15.79
CA ASN A 105 6.18 10.46 15.59
C ASN A 105 7.33 9.65 16.18
N GLN A 106 7.28 8.33 15.98
CA GLN A 106 8.28 7.44 16.56
C GLN A 106 9.71 7.81 16.18
N LEU A 107 9.95 7.97 14.88
CA LEU A 107 11.25 8.26 14.31
C LEU A 107 11.85 9.57 14.84
N GLY A 108 11.07 10.39 15.52
CA GLY A 108 11.42 11.67 16.07
C GLY A 108 11.05 12.85 15.19
N SER A 109 10.50 12.59 14.00
CA SER A 109 10.11 13.70 13.13
C SER A 109 8.99 14.50 13.76
N THR A 110 8.97 15.79 13.45
CA THR A 110 7.94 16.65 14.01
C THR A 110 7.32 17.56 12.94
N PHE A 111 6.05 17.90 13.18
CA PHE A 111 5.28 18.78 12.33
C PHE A 111 4.36 19.69 13.13
N ILE A 112 4.29 20.92 12.64
CA ILE A 112 3.42 21.95 13.14
C ILE A 112 2.39 22.27 12.05
N VAL A 113 1.14 22.20 12.49
CA VAL A 113 0.09 22.32 11.49
C VAL A 113 -1.04 23.22 11.99
N THR A 114 -1.54 24.03 11.06
CA THR A 114 -2.74 24.82 11.27
C THR A 114 -3.92 24.26 10.48
N ALA A 115 -4.98 23.93 11.20
CA ALA A 115 -6.19 23.50 10.49
C ALA A 115 -7.10 24.70 10.26
N GLY A 116 -7.61 24.79 9.03
CA GLY A 116 -8.46 25.89 8.61
C GLY A 116 -9.91 25.47 8.69
N ALA A 117 -10.80 26.45 8.75
CA ALA A 117 -12.20 26.12 9.03
C ALA A 117 -12.79 25.34 7.85
N ASP A 118 -12.16 25.57 6.71
CA ASP A 118 -12.49 25.11 5.38
C ASP A 118 -12.03 23.69 5.10
N GLY A 119 -11.17 23.12 5.94
CA GLY A 119 -10.69 21.77 5.60
C GLY A 119 -9.24 21.84 5.18
N ALA A 120 -8.64 23.03 5.30
CA ALA A 120 -7.24 23.14 4.90
C ALA A 120 -6.30 22.70 6.03
N LEU A 121 -5.18 22.18 5.59
CA LEU A 121 -4.00 21.80 6.38
C LEU A 121 -2.79 22.46 5.73
N THR A 122 -2.05 23.20 6.53
CA THR A 122 -0.81 23.83 6.08
C THR A 122 0.20 23.88 7.21
N GLY A 123 1.49 23.81 6.89
CA GLY A 123 2.46 23.87 7.99
C GLY A 123 3.82 23.45 7.53
N THR A 124 4.67 23.03 8.48
CA THR A 124 5.97 22.56 8.05
C THR A 124 6.30 21.27 8.80
N TYR A 125 7.04 20.45 8.06
CA TYR A 125 7.49 19.16 8.51
C TYR A 125 9.01 19.21 8.68
N GLU A 126 9.43 18.73 9.84
CA GLU A 126 10.84 18.69 10.17
C GLU A 126 11.28 17.25 10.39
N SER A 127 12.17 16.80 9.52
CA SER A 127 12.80 15.49 9.61
C SER A 127 14.32 15.62 9.63
N SER B 3 -19.85 17.16 -7.15
CA SER B 3 -18.73 16.42 -7.72
C SER B 3 -17.45 17.19 -7.95
N ARG B 4 -17.32 18.48 -7.61
CA ARG B 4 -16.01 19.11 -7.68
C ARG B 4 -15.39 19.23 -6.29
N TYR B 5 -14.12 18.90 -6.14
CA TYR B 5 -13.49 18.98 -4.83
C TYR B 5 -12.15 19.69 -4.90
N VAL B 6 -11.78 20.35 -3.80
CA VAL B 6 -10.51 21.04 -3.70
C VAL B 6 -9.34 20.05 -3.60
N LEU B 7 -8.29 20.35 -4.36
CA LEU B 7 -7.08 19.56 -4.24
C LEU B 7 -5.91 20.49 -3.93
N THR B 8 -5.07 19.99 -3.03
CA THR B 8 -3.82 20.61 -2.66
C THR B 8 -2.69 19.60 -2.58
N GLY B 9 -1.49 20.05 -2.95
CA GLY B 9 -0.35 19.15 -2.96
C GLY B 9 0.98 19.84 -3.13
N ARG B 10 1.99 19.02 -3.38
CA ARG B 10 3.34 19.54 -3.57
C ARG B 10 4.05 18.77 -4.68
N TYR B 11 5.04 19.41 -5.30
CA TYR B 11 5.87 18.72 -6.29
C TYR B 11 7.32 19.16 -6.18
N ASP B 12 8.23 18.36 -6.73
CA ASP B 12 9.64 18.70 -6.78
C ASP B 12 9.90 19.67 -7.92
N SER B 13 10.07 20.94 -7.56
CA SER B 13 10.22 22.01 -8.55
C SER B 13 11.64 22.15 -9.09
N ALA B 14 12.56 21.31 -8.65
CA ALA B 14 13.91 21.27 -9.22
C ALA B 14 14.32 19.82 -9.48
N PRO B 15 13.66 19.21 -10.45
CA PRO B 15 13.87 17.81 -10.77
C PRO B 15 15.26 17.46 -11.27
N ALA B 16 15.60 16.18 -11.18
CA ALA B 16 16.83 15.64 -11.75
C ALA B 16 16.72 15.67 -13.27
N THR B 17 17.83 15.52 -13.97
CA THR B 17 17.67 15.74 -15.42
C THR B 17 18.29 14.61 -16.22
N ASP B 18 18.45 13.46 -15.56
CA ASP B 18 18.99 12.27 -16.19
C ASP B 18 17.88 11.53 -16.93
N GLY B 19 16.72 12.16 -16.93
CA GLY B 19 15.47 11.69 -17.48
C GLY B 19 14.54 11.13 -16.43
N SER B 20 14.84 11.31 -15.14
CA SER B 20 13.90 10.80 -14.14
C SER B 20 12.60 11.60 -14.19
N GLY B 21 11.62 11.03 -13.48
CA GLY B 21 10.37 11.74 -13.34
C GLY B 21 10.47 12.78 -12.23
N THR B 22 9.38 13.55 -12.14
CA THR B 22 9.16 14.58 -11.15
C THR B 22 8.16 14.16 -10.08
N ALA B 23 8.68 13.98 -8.87
CA ALA B 23 7.86 13.53 -7.77
C ALA B 23 6.88 14.61 -7.32
N LEU B 24 5.67 14.14 -7.02
CA LEU B 24 4.63 15.01 -6.52
C LEU B 24 3.72 14.19 -5.62
N GLY B 25 2.75 14.87 -5.02
CA GLY B 25 1.68 14.15 -4.34
C GLY B 25 0.58 15.17 -4.06
N TRP B 26 -0.63 14.65 -3.90
CA TRP B 26 -1.70 15.58 -3.51
C TRP B 26 -2.80 14.89 -2.73
N THR B 27 -3.64 15.73 -2.14
CA THR B 27 -4.72 15.27 -1.30
C THR B 27 -6.07 15.86 -1.69
N VAL B 28 -7.09 15.01 -1.68
CA VAL B 28 -8.46 15.50 -1.81
C VAL B 28 -9.28 14.97 -0.64
N ALA B 29 -9.91 15.87 0.11
CA ALA B 29 -10.86 15.46 1.15
C ALA B 29 -12.25 15.49 0.49
N TRP B 30 -12.99 14.39 0.60
CA TRP B 30 -14.24 14.24 -0.10
C TRP B 30 -15.40 14.91 0.60
N LYS B 31 -15.17 16.20 0.76
CA LYS B 31 -16.19 17.04 1.38
C LYS B 31 -16.24 18.34 0.56
N ASN B 32 -17.44 18.61 0.07
CA ASN B 32 -17.73 19.87 -0.60
C ASN B 32 -19.06 20.42 -0.07
N ASN B 33 -19.50 21.48 -0.68
CA ASN B 33 -20.76 22.16 -0.47
C ASN B 33 -21.85 21.13 -0.29
N TYR B 34 -21.83 20.15 -1.18
CA TYR B 34 -22.98 19.26 -1.31
C TYR B 34 -22.88 17.95 -0.57
N ARG B 35 -21.67 17.38 -0.44
CA ARG B 35 -21.66 16.08 0.23
C ARG B 35 -20.46 15.94 1.15
N ASN B 36 -20.42 14.82 1.86
CA ASN B 36 -19.35 14.52 2.81
C ASN B 36 -19.32 13.00 3.01
N ALA B 37 -18.29 12.37 2.48
CA ALA B 37 -18.04 10.94 2.57
C ALA B 37 -17.12 10.56 3.71
N HIS B 38 -16.76 11.50 4.57
CA HIS B 38 -15.88 11.31 5.71
C HIS B 38 -14.65 10.50 5.29
N SER B 39 -13.99 10.99 4.24
CA SER B 39 -12.82 10.28 3.75
C SER B 39 -11.92 11.24 2.99
N ALA B 40 -10.66 10.84 2.86
CA ALA B 40 -9.63 11.55 2.16
C ALA B 40 -8.74 10.58 1.38
N THR B 41 -8.34 10.97 0.18
CA THR B 41 -7.42 10.22 -0.66
C THR B 41 -6.15 11.07 -0.82
N THR B 42 -5.00 10.43 -0.81
CA THR B 42 -3.74 11.03 -1.20
C THR B 42 -3.19 10.17 -2.34
N TRP B 43 -2.67 10.83 -3.35
CA TRP B 43 -1.99 10.25 -4.49
C TRP B 43 -0.49 10.64 -4.38
N SER B 44 0.38 9.66 -4.51
CA SER B 44 1.83 9.79 -4.51
C SER B 44 2.34 9.26 -5.84
N GLY B 45 3.20 9.98 -6.54
CA GLY B 45 3.49 9.44 -7.87
C GLY B 45 4.50 10.31 -8.60
N GLN B 46 4.64 10.10 -9.91
CA GLN B 46 5.56 11.00 -10.62
C GLN B 46 5.00 11.43 -11.96
N TYR B 47 5.36 12.67 -12.27
CA TYR B 47 5.05 13.21 -13.60
C TYR B 47 6.14 12.72 -14.54
N VAL B 48 5.76 12.23 -15.70
CA VAL B 48 6.76 11.85 -16.72
C VAL B 48 6.51 12.69 -17.96
N GLY B 49 7.37 13.66 -18.24
CA GLY B 49 7.08 14.56 -19.35
C GLY B 49 7.13 13.82 -20.67
N GLY B 50 6.74 14.44 -21.78
CA GLY B 50 6.88 13.71 -23.03
C GLY B 50 5.83 14.03 -24.08
N ALA B 51 5.92 13.31 -25.18
CA ALA B 51 4.96 13.44 -26.27
C ALA B 51 3.55 13.20 -25.73
N GLU B 52 3.45 12.23 -24.84
CA GLU B 52 2.24 12.02 -24.07
C GLU B 52 2.57 12.16 -22.59
N ALA B 53 2.24 13.32 -22.03
CA ALA B 53 2.61 13.61 -20.65
C ALA B 53 1.72 12.83 -19.68
N ARG B 54 2.28 12.22 -18.65
CA ARG B 54 1.56 11.36 -17.73
C ARG B 54 1.95 11.65 -16.28
N ILE B 55 1.00 11.35 -15.39
CA ILE B 55 1.34 11.27 -13.98
C ILE B 55 0.95 9.89 -13.44
N ASN B 56 1.95 9.17 -12.94
CA ASN B 56 1.69 7.82 -12.46
C ASN B 56 1.71 7.83 -10.93
N THR B 57 0.60 7.34 -10.39
CA THR B 57 0.39 7.35 -8.96
C THR B 57 -0.04 6.03 -8.35
N GLN B 58 0.16 5.97 -7.04
CA GLN B 58 -0.45 5.05 -6.12
C GLN B 58 -1.22 5.88 -5.11
N TRP B 59 -2.39 5.40 -4.70
CA TRP B 59 -3.20 6.19 -3.79
C TRP B 59 -3.65 5.41 -2.56
N LEU B 60 -3.96 6.16 -1.52
CA LEU B 60 -4.44 5.70 -0.24
C LEU B 60 -5.75 6.46 0.04
N LEU B 61 -6.82 5.72 0.28
CA LEU B 61 -8.11 6.28 0.67
C LEU B 61 -8.46 5.85 2.09
N THR B 62 -8.47 6.83 2.99
CA THR B 62 -8.84 6.59 4.37
C THR B 62 -10.18 7.27 4.72
N SER B 63 -11.04 6.48 5.35
CA SER B 63 -12.31 6.93 5.90
C SER B 63 -12.28 6.95 7.42
N GLY B 64 -12.92 7.94 8.03
CA GLY B 64 -13.03 7.98 9.50
C GLY B 64 -13.87 6.77 9.92
N THR B 65 -13.40 6.05 10.92
CA THR B 65 -13.90 4.86 11.54
C THR B 65 -13.80 4.89 13.07
N THR B 66 -14.56 4.01 13.71
CA THR B 66 -14.32 3.83 15.14
C THR B 66 -13.07 2.98 15.30
N GLU B 67 -12.57 2.88 16.53
CA GLU B 67 -11.40 2.09 16.82
C GLU B 67 -11.55 0.64 16.38
N ALA B 68 -12.72 0.02 16.59
CA ALA B 68 -12.81 -1.40 16.26
C ALA B 68 -12.81 -1.67 14.77
N ASN B 69 -12.92 -0.63 13.93
CA ASN B 69 -12.97 -0.81 12.49
C ASN B 69 -11.78 -0.17 11.79
N ALA B 70 -10.83 0.31 12.57
CA ALA B 70 -9.68 1.03 12.01
C ALA B 70 -8.93 0.18 11.00
N TRP B 71 -9.02 -1.14 11.16
CA TRP B 71 -8.21 -2.08 10.42
C TRP B 71 -8.64 -2.14 8.97
N LYS B 72 -9.90 -1.80 8.76
CA LYS B 72 -10.54 -1.73 7.47
C LYS B 72 -10.80 -0.30 7.01
N SER B 73 -9.97 0.67 7.40
CA SER B 73 -10.22 2.06 7.10
C SER B 73 -9.56 2.58 5.83
N THR B 74 -8.54 1.91 5.33
CA THR B 74 -7.76 2.42 4.20
C THR B 74 -7.77 1.50 2.99
N LEU B 75 -8.13 2.08 1.85
CA LEU B 75 -8.02 1.42 0.56
C LEU B 75 -6.70 1.86 -0.10
N VAL B 76 -6.22 1.01 -0.99
CA VAL B 76 -5.07 1.31 -1.81
C VAL B 76 -5.39 0.97 -3.26
N GLY B 77 -4.83 1.78 -4.15
CA GLY B 77 -4.98 1.51 -5.57
C GLY B 77 -3.95 2.31 -6.35
N HIS B 78 -4.15 2.36 -7.65
CA HIS B 78 -3.19 3.05 -8.50
C HIS B 78 -3.95 3.67 -9.66
N ASP B 79 -3.34 4.69 -10.23
CA ASP B 79 -4.02 5.43 -11.28
C ASP B 79 -3.01 6.12 -12.17
N THR B 80 -3.41 6.22 -13.44
CA THR B 80 -2.59 7.01 -14.34
C THR B 80 -3.41 8.14 -14.92
N PHE B 81 -2.83 9.32 -14.88
CA PHE B 81 -3.48 10.47 -15.48
C PHE B 81 -2.71 10.90 -16.73
N THR B 82 -3.45 11.45 -17.67
CA THR B 82 -2.81 11.93 -18.90
C THR B 82 -3.23 13.35 -19.19
N LYS B 83 -2.27 14.12 -19.71
CA LYS B 83 -2.46 15.57 -19.79
C LYS B 83 -3.18 15.95 -21.06
N VAL B 84 -4.18 16.84 -20.96
CA VAL B 84 -4.81 17.19 -22.23
C VAL B 84 -3.86 18.01 -23.11
N LYS B 85 -3.87 17.63 -24.38
CA LYS B 85 -3.11 18.29 -25.42
C LYS B 85 -4.03 19.14 -26.30
N PRO B 86 -3.46 20.03 -27.08
CA PRO B 86 -4.29 20.79 -28.02
C PRO B 86 -4.86 19.87 -29.09
N SER B 87 -6.05 20.20 -29.54
CA SER B 87 -6.77 19.75 -30.69
C SER B 87 -6.00 20.02 -31.98
N ALA B 88 -6.16 19.07 -32.89
CA ALA B 88 -5.65 19.12 -34.24
C ALA B 88 -6.04 20.38 -35.00
N ALA B 89 -7.25 20.89 -34.81
CA ALA B 89 -7.78 22.06 -35.50
C ALA B 89 -7.04 23.35 -35.16
N SER B 90 -6.42 23.35 -33.98
CA SER B 90 -5.60 24.42 -33.46
C SER B 90 -4.15 24.23 -33.90
N GLY B 91 -3.81 23.13 -34.57
CA GLY B 91 -2.42 22.92 -34.92
C GLY B 91 -1.82 21.69 -34.25
N GLY B 92 -2.55 21.09 -33.32
CA GLY B 92 -2.08 19.95 -32.57
C GLY B 92 -0.78 20.15 -31.81
N GLY B 93 0.06 19.11 -31.83
CA GLY B 93 1.30 19.10 -31.09
C GLY B 93 1.11 18.55 -29.69
N SER B 94 2.22 18.39 -28.96
CA SER B 94 2.07 17.91 -27.58
C SER B 94 1.87 19.09 -26.64
N ALA B 95 1.30 18.83 -25.46
CA ALA B 95 1.19 19.84 -24.41
C ALA B 95 2.56 20.43 -24.06
N GLU B 96 2.56 21.71 -23.72
CA GLU B 96 3.74 22.40 -23.22
C GLU B 96 4.15 21.82 -21.88
N ALA B 97 5.44 21.81 -21.61
CA ALA B 97 5.86 21.05 -20.44
C ALA B 97 5.31 21.73 -19.20
N GLY B 98 5.13 20.94 -18.15
CA GLY B 98 4.73 21.52 -16.88
C GLY B 98 3.59 20.70 -16.30
N ILE B 99 3.37 20.88 -15.01
CA ILE B 99 2.26 20.20 -14.36
C ILE B 99 0.94 20.92 -14.55
N THR B 100 1.02 22.24 -14.64
CA THR B 100 -0.18 23.07 -14.82
C THR B 100 -0.95 22.57 -16.04
N GLY B 101 -2.23 22.27 -15.84
CA GLY B 101 -3.19 21.96 -16.86
C GLY B 101 -4.36 21.10 -16.44
N THR B 102 -4.94 20.45 -17.46
CA THR B 102 -6.05 19.53 -17.30
C THR B 102 -5.58 18.11 -17.57
N TRP B 103 -5.95 17.22 -16.67
CA TRP B 103 -5.55 15.84 -16.60
C TRP B 103 -6.77 14.93 -16.45
N TYR B 104 -6.78 13.80 -17.14
CA TYR B 104 -7.91 12.89 -16.99
C TYR B 104 -7.38 11.49 -16.73
N ASN B 105 -8.16 10.68 -16.01
CA ASN B 105 -7.83 9.27 -15.97
C ASN B 105 -8.74 8.49 -16.93
N GLN B 106 -8.46 7.21 -17.03
CA GLN B 106 -9.10 6.27 -17.94
C GLN B 106 -10.57 6.12 -17.60
N LEU B 107 -10.90 6.48 -16.36
CA LEU B 107 -12.26 6.28 -15.88
C LEU B 107 -13.14 7.49 -16.08
N GLY B 108 -12.56 8.61 -16.55
CA GLY B 108 -13.37 9.79 -16.78
C GLY B 108 -13.27 10.83 -15.69
N SER B 109 -12.52 10.51 -14.63
CA SER B 109 -12.31 11.52 -13.60
C SER B 109 -11.30 12.53 -14.15
N THR B 110 -11.46 13.78 -13.75
CA THR B 110 -10.66 14.86 -14.28
C THR B 110 -10.20 15.78 -13.16
N PHE B 111 -9.00 16.32 -13.34
CA PHE B 111 -8.53 17.41 -12.51
C PHE B 111 -7.84 18.54 -13.28
N ILE B 112 -8.03 19.74 -12.71
CA ILE B 112 -7.39 20.96 -13.15
C ILE B 112 -6.53 21.48 -12.01
N VAL B 113 -5.22 21.64 -12.26
CA VAL B 113 -4.33 22.09 -11.21
C VAL B 113 -3.57 23.33 -11.67
N THR B 114 -3.15 24.14 -10.72
CA THR B 114 -2.17 25.18 -11.02
C THR B 114 -0.90 24.85 -10.23
N ALA B 115 0.26 24.90 -10.86
CA ALA B 115 1.49 24.61 -10.14
C ALA B 115 2.26 25.88 -9.83
N GLY B 116 2.84 25.95 -8.63
CA GLY B 116 3.64 27.10 -8.26
C GLY B 116 5.07 26.94 -8.73
N ALA B 117 5.81 28.04 -8.82
CA ALA B 117 7.21 27.94 -9.25
C ALA B 117 8.05 27.27 -8.17
N ASP B 118 7.56 27.28 -6.94
CA ASP B 118 8.32 26.74 -5.84
C ASP B 118 7.79 25.44 -5.27
N GLY B 119 6.88 24.75 -5.96
CA GLY B 119 6.46 23.46 -5.47
C GLY B 119 5.00 23.30 -5.14
N ALA B 120 4.23 24.38 -5.00
CA ALA B 120 2.83 24.25 -4.64
C ALA B 120 2.00 23.69 -5.78
N LEU B 121 0.97 22.96 -5.39
CA LEU B 121 -0.03 22.49 -6.35
C LEU B 121 -1.40 22.87 -5.83
N THR B 122 -2.29 23.47 -6.60
CA THR B 122 -3.67 23.61 -6.15
C THR B 122 -4.63 23.41 -7.33
N GLY B 123 -5.79 22.85 -6.97
CA GLY B 123 -6.72 22.63 -8.07
C GLY B 123 -8.08 22.16 -7.61
N THR B 124 -8.76 21.63 -8.63
CA THR B 124 -10.11 21.14 -8.38
C THR B 124 -10.25 19.78 -9.04
N TYR B 125 -10.72 18.82 -8.26
CA TYR B 125 -10.94 17.45 -8.67
C TYR B 125 -12.44 17.23 -8.93
N GLU B 126 -12.72 16.63 -10.08
CA GLU B 126 -14.08 16.28 -10.44
C GLU B 126 -14.22 14.79 -10.76
N SER B 127 -15.07 14.14 -10.00
CA SER B 127 -15.47 12.75 -10.18
C SER B 127 -16.55 12.64 -11.26
N SER C 3 -13.58 -20.66 12.50
CA SER C 3 -12.78 -19.46 12.35
C SER C 3 -11.28 -19.69 12.26
N ARG C 4 -10.83 -20.93 12.05
CA ARG C 4 -9.47 -21.20 11.63
C ARG C 4 -9.43 -21.31 10.10
N TYR C 5 -8.42 -20.72 9.47
CA TYR C 5 -8.25 -20.82 8.04
C TYR C 5 -6.83 -21.22 7.65
N VAL C 6 -6.73 -21.81 6.46
CA VAL C 6 -5.42 -22.32 6.05
C VAL C 6 -4.51 -21.18 5.65
N LEU C 7 -3.27 -21.22 6.15
CA LEU C 7 -2.35 -20.18 5.68
C LEU C 7 -1.21 -20.87 4.94
N THR C 8 -0.64 -20.12 4.00
CA THR C 8 0.50 -20.69 3.29
C THR C 8 1.49 -19.63 2.82
N GLY C 9 2.79 -19.94 2.84
CA GLY C 9 3.79 -18.97 2.49
C GLY C 9 5.18 -19.50 2.27
N ARG C 10 6.11 -18.55 2.16
CA ARG C 10 7.51 -18.77 1.86
C ARG C 10 8.35 -17.78 2.68
N TYR C 11 9.58 -18.16 2.96
CA TYR C 11 10.55 -17.34 3.68
C TYR C 11 11.95 -17.60 3.13
N ASP C 12 12.81 -16.64 3.38
CA ASP C 12 14.23 -16.74 3.05
C ASP C 12 14.88 -17.64 4.08
N SER C 13 15.14 -18.87 3.68
CA SER C 13 15.71 -19.86 4.62
C SER C 13 17.22 -19.74 4.72
N ALA C 14 17.81 -18.68 4.20
CA ALA C 14 19.25 -18.48 4.32
C ALA C 14 19.56 -16.99 4.32
N PRO C 15 19.04 -16.31 5.33
CA PRO C 15 19.13 -14.85 5.34
C PRO C 15 20.52 -14.38 5.74
N ALA C 16 20.67 -13.07 5.67
CA ALA C 16 21.84 -12.37 6.17
C ALA C 16 22.05 -12.67 7.65
N THR C 17 23.32 -12.74 8.04
CA THR C 17 23.63 -12.94 9.47
C THR C 17 24.18 -11.64 10.05
N ASP C 18 24.03 -10.58 9.27
CA ASP C 18 24.46 -9.23 9.55
C ASP C 18 23.54 -8.43 10.43
N GLY C 19 22.47 -9.02 10.97
CA GLY C 19 21.54 -8.23 11.78
C GLY C 19 20.20 -8.02 11.11
N SER C 20 20.18 -8.00 9.78
CA SER C 20 18.97 -7.87 8.97
C SER C 20 17.97 -8.93 9.41
N GLY C 21 16.68 -8.62 9.29
CA GLY C 21 15.69 -9.65 9.57
C GLY C 21 15.52 -10.58 8.35
N THR C 22 14.64 -11.55 8.51
CA THR C 22 14.32 -12.59 7.54
C THR C 22 13.01 -12.30 6.81
N ALA C 23 13.11 -12.00 5.53
CA ALA C 23 11.97 -11.69 4.68
C ALA C 23 11.04 -12.88 4.54
N LEU C 24 9.74 -12.59 4.64
CA LEU C 24 8.76 -13.65 4.46
C LEU C 24 7.45 -13.07 3.93
N GLY C 25 6.59 -13.98 3.50
CA GLY C 25 5.25 -13.67 3.06
C GLY C 25 4.31 -14.83 3.30
N TRP C 26 3.03 -14.51 3.52
CA TRP C 26 2.03 -15.57 3.55
C TRP C 26 0.67 -15.02 3.14
N THR C 27 -0.18 -15.97 2.75
CA THR C 27 -1.50 -15.77 2.21
C THR C 27 -2.54 -16.62 2.95
N VAL C 28 -3.68 -16.00 3.20
CA VAL C 28 -4.87 -16.62 3.71
C VAL C 28 -6.08 -16.23 2.86
N ALA C 29 -6.82 -17.24 2.41
CA ALA C 29 -8.11 -17.02 1.75
C ALA C 29 -9.20 -17.25 2.80
N TRP C 30 -10.18 -16.37 2.90
CA TRP C 30 -11.20 -16.43 3.94
C TRP C 30 -12.41 -17.30 3.64
N LYS C 31 -12.08 -18.53 3.27
CA LYS C 31 -13.05 -19.59 3.07
C LYS C 31 -12.61 -20.81 3.87
N ASN C 32 -13.46 -21.26 4.79
CA ASN C 32 -13.11 -22.57 5.34
C ASN C 32 -14.36 -23.43 5.20
N ASN C 33 -14.41 -24.55 5.91
CA ASN C 33 -15.60 -25.42 5.83
C ASN C 33 -16.87 -24.66 6.15
N TYR C 34 -16.84 -23.58 6.93
CA TYR C 34 -18.12 -23.03 7.39
C TYR C 34 -18.41 -21.59 7.02
N ARG C 35 -17.45 -20.83 6.52
CA ARG C 35 -17.69 -19.48 6.03
C ARG C 35 -16.90 -19.21 4.76
N ASN C 36 -17.35 -18.27 3.96
CA ASN C 36 -16.56 -17.81 2.82
C ASN C 36 -16.75 -16.30 2.69
N ALA C 37 -15.66 -15.55 2.77
CA ALA C 37 -15.84 -14.09 2.76
C ALA C 37 -15.42 -13.49 1.43
N HIS C 38 -15.21 -14.38 0.47
CA HIS C 38 -14.80 -14.05 -0.88
C HIS C 38 -13.69 -13.01 -0.85
N SER C 39 -12.68 -13.37 -0.09
CA SER C 39 -11.58 -12.46 0.18
C SER C 39 -10.28 -13.19 0.44
N ALA C 40 -9.12 -12.57 0.18
CA ALA C 40 -7.86 -13.13 0.62
C ALA C 40 -6.95 -12.03 1.16
N THR C 41 -6.15 -12.37 2.16
CA THR C 41 -5.14 -11.49 2.71
C THR C 41 -3.75 -12.08 2.49
N THR C 42 -2.84 -11.22 2.06
CA THR C 42 -1.41 -11.49 2.02
C THR C 42 -0.65 -10.53 2.94
N TRP C 43 0.28 -11.13 3.68
CA TRP C 43 1.16 -10.36 4.55
C TRP C 43 2.59 -10.49 4.01
N SER C 44 3.26 -9.35 4.05
CA SER C 44 4.63 -9.22 3.59
C SER C 44 5.46 -8.55 4.68
N GLY C 45 6.58 -9.18 5.05
CA GLY C 45 7.32 -8.58 6.14
C GLY C 45 8.57 -9.40 6.43
N GLN C 46 9.00 -9.31 7.67
CA GLN C 46 10.23 -9.98 8.05
C GLN C 46 10.20 -10.41 9.51
N TYR C 47 10.87 -11.52 9.76
CA TYR C 47 11.07 -12.02 11.11
C TYR C 47 12.29 -11.34 11.71
N VAL C 48 12.16 -10.83 12.92
CA VAL C 48 13.32 -10.29 13.63
C VAL C 48 13.43 -11.01 14.98
N GLY C 49 14.56 -11.70 15.18
CA GLY C 49 14.69 -12.59 16.32
C GLY C 49 15.09 -11.91 17.60
N GLY C 50 15.47 -12.71 18.60
CA GLY C 50 16.00 -12.15 19.83
C GLY C 50 15.13 -12.47 21.03
N ALA C 51 15.29 -11.68 22.08
CA ALA C 51 14.65 -11.98 23.36
C ALA C 51 13.14 -12.04 23.21
N GLU C 52 12.71 -11.21 22.27
CA GLU C 52 11.31 -11.02 21.93
C GLU C 52 11.18 -11.06 20.41
N ALA C 53 10.96 -12.27 19.89
CA ALA C 53 10.88 -12.41 18.45
C ALA C 53 9.54 -11.89 17.96
N ARG C 54 9.61 -11.22 16.83
CA ARG C 54 8.51 -10.51 16.22
C ARG C 54 8.51 -10.69 14.70
N ILE C 55 7.30 -10.69 14.16
CA ILE C 55 7.13 -10.53 12.72
C ILE C 55 6.38 -9.22 12.44
N ASN C 56 7.07 -8.28 11.80
CA ASN C 56 6.52 -6.97 11.44
C ASN C 56 5.98 -7.04 10.03
N THR C 57 4.70 -6.72 9.86
CA THR C 57 4.18 -6.93 8.51
C THR C 57 3.41 -5.75 7.96
N GLN C 58 3.30 -5.78 6.62
CA GLN C 58 2.28 -5.01 5.93
C GLN C 58 1.40 -5.99 5.15
N TRP C 59 0.11 -5.66 5.10
CA TRP C 59 -0.85 -6.52 4.43
C TRP C 59 -1.77 -5.77 3.48
N LEU C 60 -2.25 -6.57 2.54
CA LEU C 60 -3.21 -6.27 1.51
C LEU C 60 -4.35 -7.29 1.63
N LEU C 61 -5.56 -6.79 1.67
CA LEU C 61 -6.75 -7.64 1.64
C LEU C 61 -7.55 -7.30 0.39
N THR C 62 -7.72 -8.29 -0.48
CA THR C 62 -8.55 -8.09 -1.64
C THR C 62 -9.82 -8.92 -1.58
N SER C 63 -10.94 -8.27 -1.91
CA SER C 63 -12.24 -8.95 -1.99
C SER C 63 -12.64 -9.16 -3.44
N GLY C 64 -13.39 -10.23 -3.71
CA GLY C 64 -13.91 -10.29 -5.08
C GLY C 64 -14.93 -9.17 -5.31
N THR C 65 -14.87 -8.54 -6.46
CA THR C 65 -15.71 -7.42 -6.86
C THR C 65 -15.97 -7.49 -8.37
N THR C 66 -17.00 -6.77 -8.78
CA THR C 66 -17.25 -6.51 -10.19
C THR C 66 -16.18 -5.57 -10.73
N GLU C 67 -16.11 -5.42 -12.06
CA GLU C 67 -15.07 -4.57 -12.64
C GLU C 67 -15.27 -3.11 -12.23
N ALA C 68 -16.52 -2.75 -11.96
CA ALA C 68 -16.85 -1.36 -11.68
C ALA C 68 -16.50 -0.95 -10.25
N ASN C 69 -16.46 -1.92 -9.35
CA ASN C 69 -16.15 -1.74 -7.95
C ASN C 69 -14.74 -2.15 -7.58
N ALA C 70 -13.95 -2.41 -8.62
CA ALA C 70 -12.58 -2.89 -8.48
C ALA C 70 -11.67 -1.88 -7.80
N TRP C 71 -11.95 -0.58 -7.95
CA TRP C 71 -11.13 0.45 -7.31
C TRP C 71 -11.27 0.37 -5.79
N LYS C 72 -12.40 -0.15 -5.32
CA LYS C 72 -12.53 -0.27 -3.87
C LYS C 72 -12.41 -1.72 -3.44
N SER C 73 -11.57 -2.50 -4.11
CA SER C 73 -11.44 -3.92 -3.81
C SER C 73 -10.37 -4.24 -2.78
N THR C 74 -9.46 -3.32 -2.52
CA THR C 74 -8.27 -3.67 -1.77
C THR C 74 -7.96 -2.77 -0.58
N LEU C 75 -7.94 -3.38 0.60
CA LEU C 75 -7.55 -2.64 1.79
C LEU C 75 -6.06 -2.83 2.05
N VAL C 76 -5.45 -1.87 2.74
CA VAL C 76 -4.05 -2.04 3.12
C VAL C 76 -3.85 -1.80 4.60
N GLY C 77 -2.90 -2.52 5.22
CA GLY C 77 -2.72 -2.14 6.63
C GLY C 77 -1.39 -2.69 7.11
N HIS C 78 -1.22 -2.70 8.42
CA HIS C 78 0.00 -3.21 8.99
C HIS C 78 -0.30 -4.04 10.24
N ASP C 79 0.60 -4.98 10.51
CA ASP C 79 0.48 -5.79 11.72
C ASP C 79 1.82 -6.32 12.20
N THR C 80 1.86 -6.53 13.52
CA THR C 80 2.98 -7.11 14.23
C THR C 80 2.51 -8.32 15.05
N PHE C 81 3.22 -9.42 14.84
CA PHE C 81 2.99 -10.65 15.57
C PHE C 81 4.21 -10.95 16.47
N THR C 82 3.91 -11.44 17.67
CA THR C 82 4.89 -11.82 18.66
C THR C 82 4.75 -13.32 18.91
N LYS C 83 5.89 -13.97 19.09
CA LYS C 83 5.92 -15.41 19.26
C LYS C 83 5.66 -15.75 20.71
N VAL C 84 4.86 -16.80 20.93
CA VAL C 84 4.75 -17.10 22.35
C VAL C 84 5.99 -17.80 22.87
N LYS C 85 6.26 -17.48 24.13
CA LYS C 85 7.45 -17.87 24.85
C LYS C 85 7.08 -18.88 25.92
N PRO C 86 8.06 -19.66 26.35
CA PRO C 86 7.76 -20.55 27.47
C PRO C 86 7.43 -19.66 28.68
N SER C 87 6.56 -20.08 29.51
CA SER C 87 6.06 -19.77 30.81
C SER C 87 7.13 -19.90 31.89
N ALA C 88 6.99 -19.01 32.86
CA ALA C 88 7.98 -18.89 33.92
C ALA C 88 8.00 -20.17 34.73
N ALA C 89 6.81 -20.77 34.84
CA ALA C 89 6.68 -22.00 35.61
C ALA C 89 7.51 -23.13 35.01
N SER C 90 7.89 -23.00 33.74
CA SER C 90 8.65 -24.03 33.05
C SER C 90 10.14 -23.69 33.05
N GLY C 91 10.42 -22.49 33.55
CA GLY C 91 11.80 -22.01 33.55
C GLY C 91 11.98 -20.84 32.61
N GLY C 92 10.89 -20.29 32.10
CA GLY C 92 10.82 -19.14 31.23
C GLY C 92 11.87 -19.09 30.14
N GLY C 93 12.42 -17.90 29.88
CA GLY C 93 13.41 -17.81 28.81
C GLY C 93 12.75 -17.32 27.53
N SER C 94 13.57 -16.92 26.59
CA SER C 94 13.20 -16.50 25.26
C SER C 94 12.89 -17.74 24.42
N ALA C 95 12.05 -17.55 23.42
CA ALA C 95 11.71 -18.66 22.54
C ALA C 95 12.92 -19.14 21.74
N GLU C 96 12.93 -20.43 21.47
CA GLU C 96 13.78 -21.14 20.53
C GLU C 96 13.86 -20.32 19.24
N ALA C 97 15.04 -20.14 18.67
CA ALA C 97 15.16 -19.38 17.43
C ALA C 97 14.34 -20.07 16.35
N GLY C 98 13.74 -19.29 15.45
CA GLY C 98 13.00 -19.91 14.37
C GLY C 98 11.61 -19.39 14.18
N ILE C 99 11.07 -19.69 12.99
CA ILE C 99 9.76 -19.17 12.64
C ILE C 99 8.63 -20.09 13.11
N THR C 100 8.91 -21.38 13.12
CA THR C 100 7.94 -22.36 13.56
C THR C 100 7.45 -22.01 14.96
N GLY C 101 6.13 -22.00 15.11
CA GLY C 101 5.61 -21.69 16.42
C GLY C 101 4.22 -21.09 16.39
N THR C 102 3.88 -20.49 17.53
CA THR C 102 2.60 -19.85 17.76
C THR C 102 2.83 -18.35 17.88
N TRP C 103 2.04 -17.61 17.11
CA TRP C 103 2.28 -16.18 17.02
C TRP C 103 1.00 -15.41 17.29
N TYR C 104 1.05 -14.28 17.97
CA TYR C 104 -0.21 -13.55 18.13
C TYR C 104 -0.04 -12.07 17.85
N ASN C 105 -1.12 -11.39 17.47
CA ASN C 105 -1.09 -9.95 17.41
C ASN C 105 -1.86 -9.34 18.57
N GLN C 106 -1.78 -8.05 18.67
CA GLN C 106 -2.39 -7.05 19.51
C GLN C 106 -3.89 -7.23 19.69
N LEU C 107 -4.54 -7.55 18.58
CA LEU C 107 -6.00 -7.59 18.55
C LEU C 107 -6.58 -8.96 18.80
N GLY C 108 -5.75 -10.01 18.96
CA GLY C 108 -6.38 -11.28 19.31
C GLY C 108 -6.36 -12.33 18.23
N SER C 109 -5.75 -12.04 17.08
CA SER C 109 -5.59 -13.10 16.09
C SER C 109 -4.35 -13.91 16.46
N THR C 110 -4.43 -15.20 16.15
CA THR C 110 -3.35 -16.12 16.44
C THR C 110 -3.09 -17.03 15.24
N PHE C 111 -1.82 -17.36 15.02
CA PHE C 111 -1.55 -18.38 14.01
C PHE C 111 -0.42 -19.29 14.51
N ILE C 112 -0.57 -20.53 14.11
CA ILE C 112 0.38 -21.62 14.30
C ILE C 112 0.94 -21.99 12.93
N VAL C 113 2.27 -22.08 12.90
CA VAL C 113 2.96 -22.29 11.64
C VAL C 113 4.04 -23.35 11.78
N THR C 114 4.22 -24.08 10.69
CA THR C 114 5.40 -24.93 10.52
C THR C 114 6.21 -24.42 9.34
N ALA C 115 7.48 -24.14 9.62
CA ALA C 115 8.43 -23.72 8.60
C ALA C 115 9.19 -24.89 8.03
N GLY C 116 9.49 -24.87 6.73
CA GLY C 116 10.24 -25.98 6.15
C GLY C 116 11.70 -25.57 6.05
N ALA C 117 12.63 -26.52 5.96
CA ALA C 117 14.05 -26.21 5.90
C ALA C 117 14.44 -25.55 4.57
N ASP C 118 13.56 -25.63 3.60
CA ASP C 118 13.70 -25.14 2.24
C ASP C 118 13.08 -23.75 2.04
N GLY C 119 12.18 -23.32 2.91
CA GLY C 119 11.53 -22.03 2.81
C GLY C 119 10.02 -22.07 2.83
N ALA C 120 9.44 -23.26 2.90
CA ALA C 120 7.99 -23.37 2.95
C ALA C 120 7.43 -22.97 4.31
N LEU C 121 6.21 -22.45 4.26
CA LEU C 121 5.45 -22.02 5.42
C LEU C 121 4.04 -22.54 5.28
N THR C 122 3.56 -23.33 6.25
CA THR C 122 2.15 -23.69 6.25
C THR C 122 1.65 -23.79 7.68
N GLY C 123 0.40 -23.36 7.87
CA GLY C 123 -0.18 -23.29 9.19
C GLY C 123 -1.66 -23.00 9.13
N THR C 124 -2.17 -22.56 10.26
CA THR C 124 -3.58 -22.25 10.43
C THR C 124 -3.65 -20.91 11.18
N TYR C 125 -4.56 -20.07 10.73
CA TYR C 125 -4.78 -18.74 11.28
C TYR C 125 -6.14 -18.70 11.98
N GLU C 126 -6.13 -18.22 13.22
CA GLU C 126 -7.39 -18.04 13.93
C GLU C 126 -7.66 -16.56 14.17
N SER C 127 -8.85 -16.13 13.75
CA SER C 127 -9.30 -14.76 13.97
C SER C 127 -9.72 -14.49 15.42
N SER D 3 16.71 -18.50 -12.10
CA SER D 3 15.67 -17.51 -12.34
C SER D 3 14.24 -18.02 -12.19
N ARG D 4 14.09 -19.27 -11.78
CA ARG D 4 12.82 -19.88 -11.47
C ARG D 4 12.71 -19.93 -9.95
N TYR D 5 11.59 -19.54 -9.35
CA TYR D 5 11.37 -19.62 -7.91
C TYR D 5 10.06 -20.32 -7.55
N VAL D 6 9.98 -20.83 -6.33
CA VAL D 6 8.71 -21.45 -5.93
C VAL D 6 7.65 -20.43 -5.56
N LEU D 7 6.40 -20.69 -5.97
CA LEU D 7 5.30 -19.87 -5.52
C LEU D 7 4.27 -20.69 -4.75
N THR D 8 3.69 -20.00 -3.78
CA THR D 8 2.56 -20.63 -3.11
C THR D 8 1.54 -19.58 -2.69
N GLY D 9 0.26 -19.96 -2.76
CA GLY D 9 -0.87 -19.11 -2.48
C GLY D 9 -2.17 -19.82 -2.18
N ARG D 10 -3.23 -19.02 -2.12
CA ARG D 10 -4.59 -19.51 -1.90
C ARG D 10 -5.56 -18.67 -2.75
N TYR D 11 -6.69 -19.27 -3.10
CA TYR D 11 -7.75 -18.60 -3.84
C TYR D 11 -9.10 -19.05 -3.27
N ASP D 12 -10.11 -18.26 -3.57
CA ASP D 12 -11.48 -18.60 -3.16
C ASP D 12 -12.00 -19.62 -4.15
N SER D 13 -12.19 -20.83 -3.62
CA SER D 13 -12.50 -21.97 -4.46
C SER D 13 -13.98 -22.01 -4.81
N ALA D 14 -14.76 -21.12 -4.18
CA ALA D 14 -16.20 -21.04 -4.41
C ALA D 14 -16.66 -19.59 -4.49
N PRO D 15 -16.22 -18.93 -5.54
CA PRO D 15 -16.46 -17.50 -5.65
C PRO D 15 -17.93 -17.24 -5.94
N ALA D 16 -18.41 -16.03 -5.66
CA ALA D 16 -19.81 -15.71 -5.99
C ALA D 16 -20.01 -15.71 -7.50
N THR D 17 -21.24 -15.84 -7.95
CA THR D 17 -21.54 -16.03 -9.38
C THR D 17 -22.11 -14.80 -10.07
N ASP D 18 -22.06 -13.66 -9.40
CA ASP D 18 -22.73 -12.44 -9.80
C ASP D 18 -21.89 -11.52 -10.68
N GLY D 19 -20.77 -11.99 -11.20
CA GLY D 19 -19.90 -11.21 -12.06
C GLY D 19 -18.61 -10.77 -11.38
N SER D 20 -18.62 -10.95 -10.06
CA SER D 20 -17.51 -10.63 -9.20
C SER D 20 -16.30 -11.47 -9.58
N GLY D 21 -15.12 -10.93 -9.27
CA GLY D 21 -13.93 -11.72 -9.51
C GLY D 21 -13.72 -12.72 -8.37
N THR D 22 -12.67 -13.50 -8.51
CA THR D 22 -12.20 -14.51 -7.57
C THR D 22 -10.93 -14.00 -6.87
N ALA D 23 -11.08 -13.80 -5.57
CA ALA D 23 -10.00 -13.36 -4.70
C ALA D 23 -8.93 -14.42 -4.59
N LEU D 24 -7.68 -13.94 -4.66
CA LEU D 24 -6.55 -14.84 -4.55
C LEU D 24 -5.34 -14.07 -4.01
N GLY D 25 -4.32 -14.83 -3.68
CA GLY D 25 -3.02 -14.30 -3.36
C GLY D 25 -1.96 -15.40 -3.41
N TRP D 26 -0.70 -14.95 -3.51
CA TRP D 26 0.41 -15.90 -3.51
C TRP D 26 1.70 -15.22 -3.08
N THR D 27 2.68 -16.04 -2.72
CA THR D 27 3.96 -15.58 -2.21
C THR D 27 5.09 -16.26 -2.98
N VAL D 28 6.14 -15.47 -3.16
CA VAL D 28 7.42 -15.89 -3.67
C VAL D 28 8.51 -15.30 -2.78
N ALA D 29 9.35 -16.20 -2.26
CA ALA D 29 10.58 -15.75 -1.62
C ALA D 29 11.69 -15.82 -2.67
N TRP D 30 12.48 -14.76 -2.82
CA TRP D 30 13.40 -14.69 -3.94
C TRP D 30 14.70 -15.40 -3.64
N LYS D 31 14.56 -16.63 -3.17
CA LYS D 31 15.67 -17.54 -2.98
C LYS D 31 15.48 -18.80 -3.83
N ASN D 32 16.54 -19.19 -4.53
CA ASN D 32 16.61 -20.51 -5.17
C ASN D 32 17.98 -21.15 -4.94
N ASN D 33 18.35 -22.17 -5.69
CA ASN D 33 19.68 -22.77 -5.58
C ASN D 33 20.83 -21.86 -5.99
N TYR D 34 20.59 -20.79 -6.74
CA TYR D 34 21.73 -20.01 -7.21
C TYR D 34 21.72 -18.58 -6.68
N ARG D 35 20.55 -18.00 -6.57
CA ARG D 35 20.33 -16.62 -6.18
C ARG D 35 19.67 -16.54 -4.80
N ASN D 36 20.04 -15.54 -4.02
CA ASN D 36 19.27 -15.16 -2.85
C ASN D 36 19.31 -13.63 -2.69
N ALA D 37 18.13 -13.02 -2.82
CA ALA D 37 17.96 -11.59 -2.81
C ALA D 37 17.47 -11.10 -1.44
N HIS D 38 17.33 -12.04 -0.51
CA HIS D 38 16.86 -11.68 0.83
C HIS D 38 15.61 -10.81 0.75
N SER D 39 14.70 -11.26 -0.10
CA SER D 39 13.42 -10.63 -0.30
C SER D 39 12.33 -11.66 -0.61
N ALA D 40 11.11 -11.19 -0.42
CA ALA D 40 9.88 -11.90 -0.70
C ALA D 40 8.84 -10.93 -1.26
N THR D 41 8.06 -11.37 -2.25
CA THR D 41 6.93 -10.57 -2.73
C THR D 41 5.62 -11.27 -2.45
N THR D 42 4.61 -10.47 -2.15
CA THR D 42 3.25 -11.01 -2.06
C THR D 42 2.32 -10.21 -2.98
N TRP D 43 1.58 -10.97 -3.77
CA TRP D 43 0.62 -10.44 -4.73
C TRP D 43 -0.79 -10.74 -4.20
N SER D 44 -1.63 -9.72 -4.18
CA SER D 44 -3.00 -9.81 -3.72
C SER D 44 -3.90 -9.27 -4.83
N GLY D 45 -4.87 -10.07 -5.26
CA GLY D 45 -5.65 -9.64 -6.41
C GLY D 45 -6.86 -10.51 -6.65
N GLN D 46 -7.34 -10.45 -7.88
CA GLN D 46 -8.49 -11.24 -8.28
C GLN D 46 -8.33 -11.70 -9.72
N TYR D 47 -8.81 -12.92 -9.94
CA TYR D 47 -8.88 -13.46 -11.29
C TYR D 47 -10.23 -13.03 -11.87
N VAL D 48 -10.22 -12.48 -13.07
CA VAL D 48 -11.46 -12.08 -13.76
C VAL D 48 -11.49 -12.82 -15.10
N GLY D 49 -12.49 -13.68 -15.30
CA GLY D 49 -12.57 -14.47 -16.52
C GLY D 49 -13.37 -13.78 -17.60
N GLY D 50 -14.03 -14.55 -18.45
CA GLY D 50 -14.88 -13.98 -19.48
C GLY D 50 -14.23 -13.77 -20.83
N ALA D 51 -14.32 -12.53 -21.31
CA ALA D 51 -13.73 -12.14 -22.59
C ALA D 51 -12.30 -12.64 -22.68
N GLU D 52 -11.29 -11.81 -22.46
CA GLU D 52 -9.93 -12.32 -22.28
C GLU D 52 -9.67 -12.45 -20.77
N ALA D 53 -8.81 -13.38 -20.36
CA ALA D 53 -8.59 -13.63 -18.95
C ALA D 53 -7.46 -12.80 -18.35
N ARG D 54 -7.67 -12.32 -17.12
CA ARG D 54 -6.65 -11.51 -16.46
C ARG D 54 -6.64 -11.71 -14.95
N ILE D 55 -5.45 -11.57 -14.38
CA ILE D 55 -5.37 -11.46 -12.93
C ILE D 55 -4.82 -10.07 -12.58
N ASN D 56 -5.61 -9.30 -11.84
CA ASN D 56 -5.25 -7.97 -11.38
C ASN D 56 -4.80 -8.01 -9.92
N THR D 57 -3.57 -7.55 -9.72
CA THR D 57 -2.95 -7.62 -8.41
C THR D 57 -2.35 -6.27 -8.00
N GLN D 58 -2.20 -6.20 -6.69
CA GLN D 58 -1.32 -5.24 -6.03
C GLN D 58 -0.28 -6.07 -5.28
N TRP D 59 0.95 -5.57 -5.19
CA TRP D 59 1.96 -6.38 -4.53
C TRP D 59 2.76 -5.58 -3.52
N LEU D 60 3.37 -6.30 -2.59
CA LEU D 60 4.27 -5.77 -1.58
C LEU D 60 5.59 -6.53 -1.67
N LEU D 61 6.71 -5.82 -1.70
CA LEU D 61 7.99 -6.53 -1.72
C LEU D 61 8.79 -6.02 -0.52
N THR D 62 9.09 -6.96 0.37
CA THR D 62 9.80 -6.70 1.62
C THR D 62 11.20 -7.30 1.50
N SER D 63 12.16 -6.45 1.83
CA SER D 63 13.56 -6.91 1.85
C SER D 63 14.05 -7.01 3.29
N GLY D 64 14.85 -8.04 3.57
CA GLY D 64 15.43 -8.10 4.92
C GLY D 64 16.40 -6.93 5.04
N THR D 65 16.32 -6.21 6.12
CA THR D 65 16.85 -5.05 6.72
C THR D 65 17.17 -5.14 8.21
N THR D 66 18.16 -4.33 8.56
CA THR D 66 18.56 -3.97 9.92
C THR D 66 17.33 -3.26 10.46
N GLU D 67 17.16 -3.07 11.76
CA GLU D 67 15.82 -2.48 11.99
C GLU D 67 15.87 -0.98 12.12
N ALA D 68 17.06 -0.40 11.88
CA ALA D 68 17.12 1.04 11.69
C ALA D 68 16.81 1.42 10.24
N ASN D 69 16.72 0.44 9.37
CA ASN D 69 16.35 0.64 7.96
C ASN D 69 14.99 0.03 7.64
N ALA D 70 14.28 -0.37 8.68
CA ALA D 70 13.03 -1.08 8.49
C ALA D 70 11.98 -0.18 7.86
N TRP D 71 12.10 1.13 8.02
CA TRP D 71 11.11 2.04 7.41
C TRP D 71 11.21 2.02 5.89
N LYS D 72 12.38 1.67 5.36
CA LYS D 72 12.53 1.66 3.91
C LYS D 72 12.50 0.25 3.36
N SER D 73 11.83 -0.67 4.08
CA SER D 73 11.97 -2.06 3.66
C SER D 73 10.91 -2.60 2.73
N THR D 74 9.83 -1.87 2.48
CA THR D 74 8.71 -2.45 1.76
C THR D 74 8.26 -1.61 0.59
N LEU D 75 8.32 -2.22 -0.60
CA LEU D 75 7.85 -1.50 -1.79
C LEU D 75 6.42 -1.96 -2.11
N VAL D 76 5.67 -1.07 -2.74
CA VAL D 76 4.33 -1.38 -3.21
C VAL D 76 4.20 -1.07 -4.70
N GLY D 77 3.44 -1.94 -5.38
CA GLY D 77 3.18 -1.80 -6.79
C GLY D 77 1.95 -2.56 -7.26
N HIS D 78 1.70 -2.55 -8.57
CA HIS D 78 0.60 -3.32 -9.15
C HIS D 78 1.12 -4.05 -10.40
N ASP D 79 0.54 -5.17 -10.72
CA ASP D 79 0.86 -6.01 -11.86
C ASP D 79 -0.45 -6.52 -12.48
N THR D 80 -0.44 -6.74 -13.78
CA THR D 80 -1.61 -7.33 -14.44
C THR D 80 -1.09 -8.52 -15.24
N PHE D 81 -1.67 -9.67 -15.01
CA PHE D 81 -1.25 -10.89 -15.70
C PHE D 81 -2.32 -11.32 -16.70
N THR D 82 -1.86 -11.75 -17.86
CA THR D 82 -2.71 -12.31 -18.90
C THR D 82 -2.24 -13.74 -19.18
N LYS D 83 -3.21 -14.58 -19.53
CA LYS D 83 -3.05 -16.02 -19.65
C LYS D 83 -2.69 -16.43 -21.06
N VAL D 84 -1.80 -17.42 -21.19
CA VAL D 84 -1.44 -17.89 -22.53
C VAL D 84 -2.13 -19.21 -22.87
N SER D 94 -15.40 -21.90 -14.40
CA SER D 94 -14.64 -22.53 -13.33
C SER D 94 -13.40 -21.74 -12.94
N ALA D 95 -13.43 -21.22 -11.71
CA ALA D 95 -12.27 -20.54 -11.16
C ALA D 95 -11.06 -21.46 -11.18
N GLU D 96 -11.30 -22.74 -10.92
CA GLU D 96 -10.21 -23.71 -10.84
C GLU D 96 -9.56 -23.93 -12.20
N ALA D 97 -10.36 -24.06 -13.27
CA ALA D 97 -9.74 -24.24 -14.58
C ALA D 97 -9.26 -22.94 -15.19
N GLY D 98 -9.89 -21.83 -14.80
CA GLY D 98 -9.50 -20.55 -15.39
C GLY D 98 -8.18 -20.06 -14.83
N ILE D 99 -7.96 -20.25 -13.53
CA ILE D 99 -6.68 -19.83 -12.96
C ILE D 99 -5.53 -20.70 -13.45
N THR D 100 -5.74 -22.01 -13.46
CA THR D 100 -4.73 -22.98 -13.83
C THR D 100 -4.18 -22.73 -15.23
N GLY D 101 -2.86 -22.59 -15.29
CA GLY D 101 -2.19 -22.33 -16.55
C GLY D 101 -0.99 -21.41 -16.44
N THR D 102 -0.66 -20.83 -17.58
CA THR D 102 0.53 -20.02 -17.75
C THR D 102 0.13 -18.57 -17.97
N TRP D 103 0.80 -17.73 -17.18
CA TRP D 103 0.50 -16.31 -17.22
C TRP D 103 1.76 -15.46 -17.34
N TYR D 104 1.57 -14.24 -17.87
CA TYR D 104 2.79 -13.43 -17.91
C TYR D 104 2.42 -11.98 -17.65
N ASN D 105 3.41 -11.13 -17.35
CA ASN D 105 3.00 -9.77 -17.06
C ASN D 105 3.54 -8.79 -18.10
N GLN D 106 3.43 -7.51 -17.78
CA GLN D 106 4.01 -6.40 -18.53
C GLN D 106 5.50 -6.60 -18.76
N LEU D 107 6.23 -6.80 -17.66
CA LEU D 107 7.67 -6.89 -17.77
C LEU D 107 8.13 -8.24 -18.26
N GLY D 108 7.19 -9.08 -18.73
CA GLY D 108 7.71 -10.35 -19.22
C GLY D 108 8.15 -11.27 -18.11
N SER D 109 7.55 -11.15 -16.92
CA SER D 109 7.73 -12.26 -15.99
C SER D 109 6.62 -13.27 -16.27
N THR D 110 6.87 -14.51 -15.88
CA THR D 110 6.02 -15.63 -16.22
C THR D 110 5.72 -16.42 -14.96
N PHE D 111 4.51 -16.94 -14.85
CA PHE D 111 4.29 -17.91 -13.79
C PHE D 111 3.30 -18.98 -14.25
N ILE D 112 3.62 -20.19 -13.81
CA ILE D 112 2.81 -21.37 -14.10
C ILE D 112 2.12 -21.72 -12.79
N VAL D 113 0.80 -21.83 -12.79
CA VAL D 113 0.05 -22.14 -11.59
C VAL D 113 -0.84 -23.37 -11.81
N THR D 114 -1.00 -24.06 -10.70
CA THR D 114 -2.01 -25.09 -10.57
C THR D 114 -2.95 -24.75 -9.42
N ALA D 115 -4.24 -24.59 -9.72
CA ALA D 115 -5.22 -24.28 -8.69
C ALA D 115 -5.93 -25.56 -8.25
N GLY D 116 -5.74 -25.89 -6.98
CA GLY D 116 -6.37 -27.06 -6.37
C GLY D 116 -7.82 -26.88 -6.03
N ALA D 117 -8.54 -27.99 -5.94
CA ALA D 117 -9.96 -27.90 -5.61
C ALA D 117 -10.19 -27.35 -4.20
N ASP D 118 -9.18 -27.43 -3.34
CA ASP D 118 -9.31 -26.97 -1.96
C ASP D 118 -8.96 -25.51 -1.77
N GLY D 119 -8.58 -24.78 -2.81
CA GLY D 119 -8.19 -23.40 -2.52
C GLY D 119 -6.68 -23.21 -2.52
N ALA D 120 -5.97 -24.29 -2.78
CA ALA D 120 -4.53 -24.34 -2.97
C ALA D 120 -4.07 -23.80 -4.32
N LEU D 121 -3.03 -22.98 -4.28
CA LEU D 121 -2.30 -22.47 -5.44
C LEU D 121 -0.83 -22.90 -5.32
N THR D 122 -0.33 -23.52 -6.37
CA THR D 122 1.06 -23.98 -6.31
C THR D 122 1.70 -23.93 -7.69
N GLY D 123 3.00 -23.60 -7.72
CA GLY D 123 3.63 -23.36 -9.00
C GLY D 123 5.00 -22.73 -8.89
N THR D 124 5.41 -22.12 -9.99
CA THR D 124 6.71 -21.47 -10.09
C THR D 124 6.58 -20.14 -10.81
N TYR D 125 7.42 -19.22 -10.38
CA TYR D 125 7.50 -17.87 -10.93
C TYR D 125 8.87 -17.72 -11.58
N GLU D 126 8.89 -17.23 -12.81
CA GLU D 126 10.14 -17.06 -13.56
C GLU D 126 10.39 -15.58 -13.80
N SER D 127 11.59 -15.12 -13.50
CA SER D 127 11.97 -13.74 -13.75
C SER D 127 13.09 -13.63 -14.79
#